data_4LYQ
#
_entry.id   4LYQ
#
_cell.length_a   131.173
_cell.length_b   76.549
_cell.length_c   54.836
_cell.angle_alpha   90.00
_cell.angle_beta   113.36
_cell.angle_gamma   90.00
#
_symmetry.space_group_name_H-M   'C 1 2 1'
#
loop_
_entity.id
_entity.type
_entity.pdbx_description
1 polymer Exo-beta-1,4-mannosidase
2 branched beta-D-mannopyranose-(1-4)-beta-D-mannopyranose-(1-4)-alpha-D-mannopyranose
3 non-polymer 2-AMINO-2-HYDROXYMETHYL-PROPANE-1,3-DIOL
4 non-polymer '4-(2-HYDROXYETHYL)-1-PIPERAZINE ETHANESULFONIC ACID'
5 water water
#
_entity_poly.entity_id   1
_entity_poly.type   'polypeptide(L)'
_entity_poly.pdbx_seq_one_letter_code
;MGSSHHHHHHSSGLVPRGSHMASMTGGQQMGRGSEFAFVKIASDGKGFTRYGEPYLIRGANYWQGMNLGADDCSGGDRKR
MELEIKQMAEMGINNLRVMASSEGPDDQPYRMRPSMMPQPGKYNEGVFVGLDYLLDTMDRYNMTAVMTLGNFWQWSGGFG
QYVAWITGNQTIPYPVGDVTYDEFTQFAARFYNDSEIAPKANKLFKDHIYTVQNRRNTVNGKIYKEDPVIMSWQIANAPQ
EAPASWFEEISTFIKKGAPKHLVSAGLESKLDEYDFDRAHDHKNIDYTTCHCWVENWGIYDPADPDGLPHANEYMHDFLE
SRSKWAAQLNKPIVMEEFGMARDAWRNPEDETYKYLPSTPTSHKDEYYQKAFNQIVSLASNRSFSGSNFWAYGGEGRSTY
PPNPYGMVWLGDPPHEPHGWYSVYSNDTTVQIIKDYNANLLKVQKELSK
;
_entity_poly.pdbx_strand_id   A
#
# COMPACT_ATOMS: atom_id res chain seq x y z
N PHE A 36 -1.55 19.80 -16.18
CA PHE A 36 -2.03 20.30 -14.86
C PHE A 36 -2.38 19.23 -13.79
N ALA A 37 -1.89 19.46 -12.58
CA ALA A 37 -2.17 18.66 -11.34
C ALA A 37 -1.45 17.27 -11.30
N PHE A 38 -0.60 16.93 -12.29
CA PHE A 38 0.10 15.65 -12.20
C PHE A 38 1.26 15.78 -11.21
N VAL A 39 1.43 14.82 -10.32
CA VAL A 39 2.58 14.84 -9.41
C VAL A 39 3.86 14.52 -10.24
N LYS A 40 4.92 15.29 -9.96
CA LYS A 40 6.18 15.17 -10.64
C LYS A 40 7.32 14.98 -9.67
N ILE A 41 8.51 14.67 -10.22
CA ILE A 41 9.76 14.71 -9.45
C ILE A 41 10.34 16.14 -9.58
N ALA A 42 10.79 16.74 -8.48
CA ALA A 42 11.46 18.01 -8.53
C ALA A 42 12.69 17.92 -9.42
N SER A 43 13.06 19.03 -10.04
CA SER A 43 14.23 18.92 -10.96
C SER A 43 15.54 18.64 -10.16
N ASP A 44 15.63 18.89 -8.86
CA ASP A 44 16.86 18.49 -8.16
C ASP A 44 16.78 17.00 -7.68
N GLY A 45 15.65 16.31 -7.96
CA GLY A 45 15.52 14.88 -7.66
C GLY A 45 15.23 14.59 -6.17
N LYS A 46 15.05 15.62 -5.35
CA LYS A 46 15.00 15.42 -3.89
C LYS A 46 13.56 15.42 -3.30
N GLY A 47 12.53 15.60 -4.13
CA GLY A 47 11.16 15.49 -3.60
C GLY A 47 10.21 15.49 -4.78
N PHE A 48 8.92 15.55 -4.45
CA PHE A 48 7.87 15.64 -5.47
C PHE A 48 7.44 17.07 -5.63
N THR A 49 6.85 17.40 -6.80
CA THR A 49 6.20 18.67 -6.86
C THR A 49 4.77 18.44 -7.33
N ARG A 50 3.88 19.42 -7.03
CA ARG A 50 2.54 19.39 -7.59
C ARG A 50 2.13 20.90 -7.68
N TYR A 51 1.55 21.31 -8.82
CA TYR A 51 1.28 22.73 -9.09
C TYR A 51 2.53 23.61 -9.03
N GLY A 52 3.70 23.03 -9.36
CA GLY A 52 4.96 23.76 -9.39
C GLY A 52 5.47 24.03 -7.98
N GLU A 53 4.92 23.35 -6.94
CA GLU A 53 5.43 23.57 -5.58
C GLU A 53 5.79 22.24 -4.98
N PRO A 54 6.66 22.27 -3.96
CA PRO A 54 6.94 20.97 -3.25
C PRO A 54 5.67 20.25 -2.83
N TYR A 55 5.69 18.92 -2.90
CA TYR A 55 4.50 18.08 -2.54
C TYR A 55 5.01 16.96 -1.63
N LEU A 56 4.66 17.07 -0.34
CA LEU A 56 5.00 16.08 0.63
C LEU A 56 3.77 15.11 0.88
N ILE A 57 4.10 13.84 1.17
CA ILE A 57 3.07 12.79 1.23
C ILE A 57 2.53 12.63 2.65
N ARG A 58 1.32 13.12 2.88
CA ARG A 58 0.58 12.97 4.10
C ARG A 58 -0.37 11.78 3.89
N GLY A 59 0.20 10.58 3.92
CA GLY A 59 -0.43 9.47 3.24
C GLY A 59 -1.06 8.48 4.22
N ALA A 60 -1.91 7.59 3.68
CA ALA A 60 -2.45 6.46 4.39
C ALA A 60 -2.53 5.32 3.38
N ASN A 61 -2.59 4.06 3.86
CA ASN A 61 -2.91 2.90 3.03
C ASN A 61 -4.41 2.67 3.20
N TYR A 62 -5.05 2.50 2.04
CA TYR A 62 -6.51 2.25 1.92
C TYR A 62 -6.78 1.24 0.79
N TRP A 63 -6.19 0.03 0.92
CA TRP A 63 -6.20 -1.04 -0.10
C TRP A 63 -7.61 -1.62 -0.27
N GLN A 64 -8.47 -1.45 0.75
CA GLN A 64 -9.88 -1.97 0.72
C GLN A 64 -10.79 -1.00 -0.04
N GLY A 65 -10.23 0.13 -0.54
CA GLY A 65 -11.07 1.24 -1.10
C GLY A 65 -11.86 0.74 -2.33
N MET A 66 -11.20 0.02 -3.25
CA MET A 66 -11.94 -0.48 -4.42
C MET A 66 -13.17 -1.35 -4.02
N ASN A 67 -13.01 -2.28 -3.05
CA ASN A 67 -14.12 -3.18 -2.66
C ASN A 67 -15.20 -2.46 -1.87
N LEU A 68 -14.80 -1.43 -1.10
CA LEU A 68 -15.82 -0.65 -0.35
C LEU A 68 -16.55 0.31 -1.28
N GLY A 69 -15.85 0.77 -2.31
CA GLY A 69 -16.51 1.59 -3.36
C GLY A 69 -17.50 0.87 -4.26
N ALA A 70 -17.44 -0.45 -4.31
CA ALA A 70 -18.28 -1.21 -5.22
C ALA A 70 -19.80 -1.00 -4.87
N ASP A 71 -20.78 -1.24 -5.75
CA ASP A 71 -22.19 -1.25 -5.20
C ASP A 71 -22.43 -2.39 -4.28
N ASP A 72 -23.55 -2.22 -3.57
CA ASP A 72 -23.91 -3.08 -2.51
C ASP A 72 -24.00 -4.50 -3.06
N CYS A 73 -24.38 -4.60 -4.32
CA CYS A 73 -24.56 -5.92 -4.92
CA CYS A 73 -24.55 -5.85 -5.07
C CYS A 73 -23.24 -6.68 -5.10
N SER A 74 -22.13 -5.95 -5.17
CA SER A 74 -20.80 -6.53 -5.18
C SER A 74 -20.06 -6.41 -3.85
N GLY A 75 -20.84 -6.27 -2.76
CA GLY A 75 -20.26 -6.34 -1.41
C GLY A 75 -19.69 -4.99 -0.95
N GLY A 76 -19.93 -3.91 -1.66
CA GLY A 76 -19.34 -2.63 -1.22
C GLY A 76 -20.20 -1.93 -0.16
N ASP A 77 -19.75 -0.77 0.32
CA ASP A 77 -20.58 0.04 1.21
C ASP A 77 -20.05 1.39 0.91
N ARG A 78 -20.55 1.96 -0.20
CA ARG A 78 -19.98 3.14 -0.77
C ARG A 78 -20.22 4.38 0.16
N LYS A 79 -21.33 4.43 0.91
CA LYS A 79 -21.57 5.56 1.84
C LYS A 79 -20.48 5.51 2.95
N ARG A 80 -20.13 4.30 3.37
CA ARG A 80 -19.04 4.09 4.37
C ARG A 80 -17.72 4.53 3.76
N MET A 81 -17.43 4.13 2.50
CA MET A 81 -16.24 4.58 1.80
CA MET A 81 -16.23 4.59 1.84
C MET A 81 -16.16 6.13 1.79
N GLU A 82 -17.24 6.75 1.38
CA GLU A 82 -17.27 8.21 1.35
C GLU A 82 -16.98 8.84 2.70
N LEU A 83 -17.54 8.25 3.75
CA LEU A 83 -17.34 8.78 5.09
C LEU A 83 -15.88 8.58 5.52
N GLU A 84 -15.33 7.42 5.24
CA GLU A 84 -13.88 7.17 5.60
C GLU A 84 -12.90 8.11 4.87
N ILE A 85 -13.20 8.44 3.59
CA ILE A 85 -12.35 9.36 2.86
C ILE A 85 -12.54 10.76 3.45
N LYS A 86 -13.78 11.12 3.82
CA LYS A 86 -14.01 12.39 4.57
C LYS A 86 -13.23 12.45 5.88
N GLN A 87 -13.25 11.35 6.63
CA GLN A 87 -12.50 11.29 7.89
C GLN A 87 -11.00 11.46 7.62
N MET A 88 -10.50 10.80 6.58
CA MET A 88 -9.06 10.92 6.27
C MET A 88 -8.72 12.35 5.85
N ALA A 89 -9.61 12.99 5.08
CA ALA A 89 -9.42 14.43 4.73
C ALA A 89 -9.41 15.28 5.99
N GLU A 90 -10.29 15.00 6.98
CA GLU A 90 -10.23 15.83 8.20
C GLU A 90 -8.95 15.60 8.99
N MET A 91 -8.34 14.40 8.84
CA MET A 91 -7.07 14.09 9.53
C MET A 91 -5.86 14.66 8.78
N GLY A 92 -6.10 15.42 7.68
CA GLY A 92 -5.03 16.07 6.89
C GLY A 92 -4.33 15.15 5.86
N ILE A 93 -4.98 14.02 5.51
CA ILE A 93 -4.33 13.05 4.59
CA ILE A 93 -4.40 13.05 4.58
C ILE A 93 -4.55 13.56 3.16
N ASN A 94 -3.45 13.59 2.35
CA ASN A 94 -3.59 13.98 0.94
C ASN A 94 -3.29 12.83 -0.09
N ASN A 95 -3.01 11.60 0.39
CA ASN A 95 -2.50 10.61 -0.55
C ASN A 95 -2.95 9.25 -0.01
N LEU A 96 -3.60 8.43 -0.85
CA LEU A 96 -3.95 7.04 -0.40
C LEU A 96 -3.21 6.09 -1.35
N ARG A 97 -2.56 5.12 -0.75
CA ARG A 97 -2.03 3.99 -1.49
C ARG A 97 -3.13 2.94 -1.50
N VAL A 98 -3.55 2.56 -2.72
CA VAL A 98 -4.72 1.74 -2.93
C VAL A 98 -4.37 0.55 -3.81
N MET A 99 -5.24 -0.47 -3.81
CA MET A 99 -4.90 -1.73 -4.52
C MET A 99 -5.75 -1.71 -5.79
N ALA A 100 -5.07 -1.68 -6.94
CA ALA A 100 -5.77 -1.67 -8.22
C ALA A 100 -5.61 -3.04 -8.94
N SER A 101 -5.69 -4.13 -8.19
CA SER A 101 -5.71 -5.45 -8.78
C SER A 101 -6.34 -6.36 -7.69
N SER A 102 -6.94 -7.46 -8.15
CA SER A 102 -7.21 -8.59 -7.27
C SER A 102 -7.68 -9.71 -8.15
N GLU A 103 -7.05 -10.86 -7.95
CA GLU A 103 -7.29 -12.03 -8.77
C GLU A 103 -8.12 -13.09 -8.08
N GLY A 104 -9.07 -13.68 -8.81
CA GLY A 104 -9.75 -14.84 -8.31
C GLY A 104 -8.93 -16.10 -8.57
N PRO A 105 -9.57 -17.29 -8.59
CA PRO A 105 -11.03 -17.48 -8.41
C PRO A 105 -11.53 -17.16 -7.02
N ASP A 106 -12.83 -16.95 -6.95
CA ASP A 106 -13.46 -16.38 -5.73
C ASP A 106 -13.76 -17.41 -4.64
N ASP A 107 -13.29 -18.63 -4.84
CA ASP A 107 -13.39 -19.62 -3.76
C ASP A 107 -12.11 -19.76 -2.94
N GLN A 108 -11.08 -18.98 -3.22
CA GLN A 108 -9.81 -19.07 -2.48
C GLN A 108 -9.79 -18.34 -1.12
N PRO A 109 -9.16 -18.96 -0.12
CA PRO A 109 -9.12 -18.35 1.21
C PRO A 109 -8.04 -17.27 1.22
N TYR A 110 -8.06 -16.40 2.25
CA TYR A 110 -7.02 -15.43 2.52
C TYR A 110 -6.94 -14.26 1.55
N ARG A 111 -7.98 -14.04 0.74
CA ARG A 111 -7.92 -12.96 -0.23
C ARG A 111 -9.24 -12.12 -0.33
N MET A 112 -9.07 -10.97 -0.94
CA MET A 112 -10.24 -10.03 -1.18
C MET A 112 -11.30 -10.73 -2.02
N ARG A 113 -12.55 -10.58 -1.62
CA ARG A 113 -13.69 -11.18 -2.33
C ARG A 113 -14.86 -10.18 -2.34
N PRO A 114 -15.51 -9.98 -3.51
CA PRO A 114 -15.20 -10.61 -4.81
C PRO A 114 -13.95 -9.96 -5.45
N SER A 115 -13.23 -10.75 -6.24
CA SER A 115 -12.03 -10.29 -6.88
C SER A 115 -12.45 -9.37 -8.11
N MET A 116 -11.58 -8.46 -8.47
CA MET A 116 -11.76 -7.59 -9.62
C MET A 116 -11.60 -8.45 -10.91
N MET A 117 -10.66 -9.40 -10.86
CA MET A 117 -10.31 -10.18 -12.07
C MET A 117 -10.39 -11.68 -11.72
N PRO A 118 -11.62 -12.27 -11.71
CA PRO A 118 -11.83 -13.62 -11.26
C PRO A 118 -11.07 -14.71 -12.14
N GLN A 119 -10.92 -14.41 -13.44
CA GLN A 119 -10.10 -15.18 -14.42
C GLN A 119 -9.28 -14.21 -15.23
N PRO A 120 -8.13 -14.67 -15.82
CA PRO A 120 -7.30 -13.78 -16.61
C PRO A 120 -8.09 -13.08 -17.68
N GLY A 121 -8.05 -11.75 -17.66
CA GLY A 121 -8.73 -10.96 -18.73
C GLY A 121 -10.23 -10.89 -18.55
N LYS A 122 -10.77 -11.51 -17.51
CA LYS A 122 -12.23 -11.41 -17.25
C LYS A 122 -12.52 -10.69 -15.94
N TYR A 123 -13.26 -9.60 -16.05
CA TYR A 123 -13.37 -8.67 -14.95
C TYR A 123 -14.74 -8.71 -14.34
N ASN A 124 -14.80 -8.45 -13.06
CA ASN A 124 -16.09 -8.25 -12.37
C ASN A 124 -16.33 -6.74 -12.43
N GLU A 125 -17.31 -6.33 -13.25
CA GLU A 125 -17.51 -4.92 -13.52
C GLU A 125 -17.98 -4.22 -12.23
N GLY A 126 -18.72 -4.93 -11.39
CA GLY A 126 -19.19 -4.31 -10.17
C GLY A 126 -18.01 -3.93 -9.22
N VAL A 127 -16.92 -4.72 -9.20
CA VAL A 127 -15.73 -4.34 -8.44
C VAL A 127 -14.93 -3.20 -9.15
N PHE A 128 -14.83 -3.29 -10.48
CA PHE A 128 -14.13 -2.27 -11.24
C PHE A 128 -14.79 -0.89 -11.04
N VAL A 129 -16.11 -0.84 -11.04
CA VAL A 129 -16.85 0.42 -10.76
CA VAL A 129 -16.79 0.46 -10.77
C VAL A 129 -16.45 0.94 -9.36
N GLY A 130 -16.15 0.01 -8.42
CA GLY A 130 -15.71 0.45 -7.09
C GLY A 130 -14.42 1.22 -7.13
N LEU A 131 -13.47 0.77 -7.99
CA LEU A 131 -12.21 1.52 -8.15
C LEU A 131 -12.53 2.88 -8.80
N ASP A 132 -13.50 2.91 -9.72
CA ASP A 132 -13.86 4.20 -10.37
C ASP A 132 -14.43 5.14 -9.28
N TYR A 133 -15.29 4.59 -8.39
CA TYR A 133 -15.89 5.50 -7.34
C TYR A 133 -14.83 5.90 -6.32
N LEU A 134 -13.91 4.97 -6.03
CA LEU A 134 -12.80 5.35 -5.10
C LEU A 134 -12.03 6.53 -5.68
N LEU A 135 -11.60 6.43 -6.93
CA LEU A 135 -10.83 7.54 -7.57
C LEU A 135 -11.65 8.81 -7.71
N ASP A 136 -12.92 8.67 -8.04
CA ASP A 136 -13.75 9.90 -8.09
C ASP A 136 -13.91 10.59 -6.70
N THR A 137 -14.00 9.80 -5.62
CA THR A 137 -14.21 10.41 -4.30
C THR A 137 -12.85 11.01 -3.87
N MET A 138 -11.75 10.32 -4.17
CA MET A 138 -10.43 10.94 -3.91
C MET A 138 -10.32 12.27 -4.67
N ASP A 139 -10.87 12.27 -5.90
CA ASP A 139 -10.84 13.49 -6.78
C ASP A 139 -11.58 14.63 -6.01
N ARG A 140 -12.72 14.27 -5.47
CA ARG A 140 -13.57 15.27 -4.75
C ARG A 140 -12.90 15.80 -3.48
N TYR A 141 -11.99 15.00 -2.86
CA TYR A 141 -11.19 15.48 -1.70
C TYR A 141 -9.78 15.96 -2.08
N ASN A 142 -9.49 16.10 -3.40
CA ASN A 142 -8.17 16.51 -3.86
C ASN A 142 -7.00 15.66 -3.30
N MET A 143 -7.25 14.39 -3.13
CA MET A 143 -6.18 13.40 -2.72
C MET A 143 -5.55 12.81 -3.95
N THR A 144 -4.28 12.36 -3.84
CA THR A 144 -3.67 11.61 -4.95
C THR A 144 -3.63 10.13 -4.58
N ALA A 145 -3.52 9.25 -5.60
CA ALA A 145 -3.52 7.77 -5.39
C ALA A 145 -2.23 7.20 -5.86
N VAL A 146 -1.74 6.26 -5.09
CA VAL A 146 -0.67 5.40 -5.59
C VAL A 146 -1.39 4.11 -5.97
N MET A 147 -1.30 3.71 -7.24
CA MET A 147 -2.13 2.59 -7.74
C MET A 147 -1.30 1.33 -7.79
N THR A 148 -1.42 0.45 -6.78
CA THR A 148 -0.63 -0.82 -6.74
C THR A 148 -1.25 -1.78 -7.75
N LEU A 149 -0.50 -2.20 -8.75
CA LEU A 149 -1.05 -2.99 -9.89
C LEU A 149 -0.96 -4.49 -9.65
N GLY A 150 -0.26 -4.89 -8.59
CA GLY A 150 -0.21 -6.33 -8.29
C GLY A 150 0.32 -6.56 -6.88
N ASN A 151 0.64 -7.80 -6.56
CA ASN A 151 0.91 -8.09 -5.14
C ASN A 151 1.71 -9.38 -5.10
N PHE A 152 2.82 -9.33 -4.39
CA PHE A 152 3.61 -10.60 -4.25
C PHE A 152 2.80 -11.52 -3.32
N TRP A 153 2.12 -10.91 -2.35
CA TRP A 153 1.44 -11.70 -1.28
C TRP A 153 0.07 -12.19 -1.73
N GLN A 154 -0.55 -13.04 -0.87
CA GLN A 154 -1.69 -13.87 -1.27
C GLN A 154 -3.00 -13.14 -1.06
N TRP A 155 -2.98 -11.97 -0.43
CA TRP A 155 -4.25 -11.38 -0.02
C TRP A 155 -5.09 -10.71 -1.08
N SER A 156 -4.52 -10.56 -2.26
CA SER A 156 -5.32 -10.11 -3.45
C SER A 156 -5.17 -11.22 -4.52
N GLY A 157 -4.83 -12.45 -4.09
CA GLY A 157 -4.48 -13.49 -5.09
C GLY A 157 -3.01 -13.33 -5.45
N GLY A 158 -2.69 -12.34 -6.29
CA GLY A 158 -1.29 -11.87 -6.38
C GLY A 158 -0.45 -12.79 -7.24
N PHE A 159 0.87 -12.65 -7.16
CA PHE A 159 1.81 -13.43 -8.03
C PHE A 159 1.59 -14.97 -7.91
N GLY A 160 1.35 -15.47 -6.68
CA GLY A 160 1.04 -16.91 -6.49
C GLY A 160 -0.15 -17.38 -7.32
N GLN A 161 -1.18 -16.51 -7.41
CA GLN A 161 -2.34 -16.86 -8.21
C GLN A 161 -1.99 -16.82 -9.76
N TYR A 162 -1.23 -15.83 -10.24
CA TYR A 162 -0.82 -15.95 -11.67
C TYR A 162 0.01 -17.29 -11.95
N VAL A 163 0.93 -17.62 -11.02
CA VAL A 163 1.65 -18.95 -11.10
C VAL A 163 0.66 -20.12 -11.15
N ALA A 164 -0.37 -20.11 -10.31
CA ALA A 164 -1.35 -21.19 -10.34
C ALA A 164 -2.08 -21.19 -11.67
N TRP A 165 -2.48 -20.02 -12.18
CA TRP A 165 -3.11 -19.96 -13.50
C TRP A 165 -2.21 -20.53 -14.62
N ILE A 166 -0.94 -20.18 -14.61
CA ILE A 166 -0.04 -20.71 -15.65
C ILE A 166 0.20 -22.25 -15.46
N THR A 167 0.50 -22.74 -14.25
CA THR A 167 0.83 -24.16 -14.10
C THR A 167 -0.43 -24.99 -14.17
N GLY A 168 -1.58 -24.32 -14.07
CA GLY A 168 -2.85 -25.04 -14.13
C GLY A 168 -3.18 -25.80 -12.86
N ASN A 169 -2.44 -25.56 -11.79
CA ASN A 169 -2.70 -26.16 -10.50
C ASN A 169 -3.21 -25.17 -9.49
N GLN A 170 -4.48 -25.26 -9.13
CA GLN A 170 -5.03 -24.21 -8.22
C GLN A 170 -4.68 -24.37 -6.72
N THR A 171 -3.90 -25.42 -6.40
CA THR A 171 -3.48 -25.63 -5.06
C THR A 171 -2.25 -24.81 -4.69
N ILE A 172 -2.44 -23.58 -4.29
CA ILE A 172 -1.34 -22.71 -3.91
C ILE A 172 -0.89 -23.06 -2.47
N PRO A 173 0.41 -23.10 -2.24
CA PRO A 173 0.81 -23.50 -0.85
C PRO A 173 0.73 -22.29 0.10
N TYR A 174 -0.48 -21.92 0.58
CA TYR A 174 -0.62 -20.77 1.47
C TYR A 174 0.20 -21.05 2.76
N PRO A 175 0.78 -20.03 3.32
CA PRO A 175 1.68 -20.30 4.46
C PRO A 175 0.89 -20.40 5.80
N VAL A 176 0.08 -21.43 5.93
CA VAL A 176 -0.65 -21.80 7.15
C VAL A 176 -0.36 -23.29 7.48
N GLY A 177 -0.57 -23.65 8.75
CA GLY A 177 -0.43 -25.07 9.17
C GLY A 177 1.02 -25.40 9.11
N ASP A 178 1.35 -26.45 8.37
CA ASP A 178 2.73 -26.90 8.18
C ASP A 178 3.52 -26.20 7.10
N VAL A 179 2.85 -25.42 6.23
CA VAL A 179 3.55 -24.75 5.12
C VAL A 179 4.15 -23.43 5.54
N THR A 180 5.44 -23.25 5.27
CA THR A 180 6.20 -22.08 5.77
C THR A 180 6.03 -20.89 4.80
N TYR A 181 6.34 -19.67 5.26
CA TYR A 181 6.45 -18.50 4.36
C TYR A 181 7.56 -18.70 3.27
N ASP A 182 8.66 -19.37 3.62
CA ASP A 182 9.71 -19.69 2.62
C ASP A 182 9.15 -20.50 1.49
N GLU A 183 8.36 -21.55 1.80
CA GLU A 183 7.74 -22.36 0.77
C GLU A 183 6.73 -21.55 -0.12
N PHE A 184 5.90 -20.74 0.50
CA PHE A 184 4.99 -19.90 -0.28
C PHE A 184 5.80 -18.95 -1.16
N THR A 185 6.80 -18.31 -0.58
CA THR A 185 7.65 -17.34 -1.30
C THR A 185 8.35 -17.96 -2.54
N GLN A 186 8.94 -19.16 -2.36
CA GLN A 186 9.59 -19.83 -3.52
C GLN A 186 8.56 -20.11 -4.65
N PHE A 187 7.39 -20.51 -4.25
CA PHE A 187 6.25 -20.74 -5.21
C PHE A 187 5.86 -19.43 -5.94
N ALA A 188 5.56 -18.36 -5.20
CA ALA A 188 5.08 -17.11 -5.80
C ALA A 188 6.19 -16.43 -6.67
N ALA A 189 7.48 -16.51 -6.25
CA ALA A 189 8.64 -15.91 -6.90
C ALA A 189 8.83 -16.59 -8.29
N ARG A 190 8.17 -17.70 -8.56
CA ARG A 190 8.31 -18.29 -9.93
C ARG A 190 7.75 -17.35 -10.98
N PHE A 191 6.88 -16.44 -10.52
CA PHE A 191 6.30 -15.41 -11.34
C PHE A 191 7.37 -14.61 -12.11
N TYR A 192 8.51 -14.34 -11.49
CA TYR A 192 9.51 -13.61 -12.23
C TYR A 192 10.80 -14.45 -12.31
N ASN A 193 10.94 -15.56 -11.57
CA ASN A 193 12.23 -16.25 -11.58
C ASN A 193 12.29 -17.48 -12.50
N ASP A 194 11.15 -18.09 -12.83
CA ASP A 194 11.13 -19.38 -13.51
C ASP A 194 11.07 -19.07 -15.05
N SER A 195 12.05 -19.59 -15.83
CA SER A 195 12.14 -19.11 -17.23
C SER A 195 10.97 -19.58 -18.08
N GLU A 196 10.27 -20.63 -17.63
CA GLU A 196 9.07 -21.07 -18.37
C GLU A 196 7.78 -20.36 -17.90
N ILE A 197 7.58 -20.27 -16.60
CA ILE A 197 6.36 -19.62 -16.04
C ILE A 197 6.34 -18.09 -16.23
N ALA A 198 7.50 -17.45 -16.02
CA ALA A 198 7.55 -15.98 -15.88
C ALA A 198 7.08 -15.25 -17.16
N PRO A 199 7.50 -15.71 -18.37
CA PRO A 199 6.98 -14.93 -19.57
C PRO A 199 5.45 -15.06 -19.65
N LYS A 200 4.92 -16.23 -19.38
CA LYS A 200 3.43 -16.38 -19.45
C LYS A 200 2.67 -15.61 -18.37
N ALA A 201 3.16 -15.71 -17.15
CA ALA A 201 2.53 -14.99 -16.01
C ALA A 201 2.62 -13.48 -16.26
N ASN A 202 3.77 -13.00 -16.74
CA ASN A 202 3.92 -11.57 -16.98
C ASN A 202 3.12 -11.06 -18.21
N LYS A 203 2.83 -11.94 -19.20
CA LYS A 203 1.90 -11.55 -20.27
C LYS A 203 0.49 -11.22 -19.67
N LEU A 204 0.00 -12.09 -18.81
CA LEU A 204 -1.31 -11.92 -18.12
C LEU A 204 -1.30 -10.65 -17.28
N PHE A 205 -0.17 -10.43 -16.60
CA PHE A 205 -0.03 -9.29 -15.67
C PHE A 205 -0.03 -7.98 -16.46
N LYS A 206 0.73 -7.94 -17.56
CA LYS A 206 0.68 -6.76 -18.44
C LYS A 206 -0.66 -6.53 -19.06
N ASP A 207 -1.40 -7.58 -19.40
CA ASP A 207 -2.78 -7.42 -19.87
C ASP A 207 -3.60 -6.67 -18.80
N HIS A 208 -3.37 -7.05 -17.51
CA HIS A 208 -4.09 -6.41 -16.38
C HIS A 208 -3.65 -4.95 -16.26
N ILE A 209 -2.36 -4.69 -16.32
CA ILE A 209 -1.88 -3.26 -16.24
C ILE A 209 -2.46 -2.41 -17.37
N TYR A 210 -2.41 -3.00 -18.58
CA TYR A 210 -3.00 -2.31 -19.74
C TYR A 210 -4.49 -2.00 -19.46
N THR A 211 -5.22 -2.99 -18.93
CA THR A 211 -6.67 -2.82 -18.71
C THR A 211 -6.95 -1.69 -17.68
N VAL A 212 -6.15 -1.67 -16.61
CA VAL A 212 -6.34 -0.58 -15.59
C VAL A 212 -5.91 0.79 -16.16
N GLN A 213 -4.76 0.87 -16.81
CA GLN A 213 -4.33 2.16 -17.29
C GLN A 213 -5.29 2.75 -18.36
N ASN A 214 -5.98 1.89 -19.07
CA ASN A 214 -6.90 2.29 -20.12
C ASN A 214 -8.36 2.30 -19.66
N ARG A 215 -8.60 2.02 -18.39
CA ARG A 215 -9.98 2.08 -17.87
C ARG A 215 -10.55 3.51 -18.01
N ARG A 216 -11.77 3.58 -18.54
CA ARG A 216 -12.60 4.79 -18.50
CA ARG A 216 -12.58 4.77 -18.47
C ARG A 216 -13.38 4.80 -17.17
N ASN A 217 -13.09 5.79 -16.35
CA ASN A 217 -13.85 6.03 -15.15
C ASN A 217 -15.32 6.23 -15.46
N THR A 218 -16.19 5.33 -14.98
CA THR A 218 -17.62 5.36 -15.39
C THR A 218 -18.32 6.49 -14.63
N VAL A 219 -17.70 7.02 -13.54
CA VAL A 219 -18.31 8.09 -12.74
C VAL A 219 -17.94 9.46 -13.30
N ASN A 220 -16.69 9.69 -13.69
CA ASN A 220 -16.33 11.09 -14.05
C ASN A 220 -15.80 11.11 -15.50
N GLY A 221 -15.73 9.96 -16.22
CA GLY A 221 -15.34 10.01 -17.69
C GLY A 221 -13.82 9.98 -17.94
N LYS A 222 -12.96 10.17 -16.91
CA LYS A 222 -11.51 10.21 -17.18
C LYS A 222 -10.94 8.84 -17.48
N ILE A 223 -10.04 8.75 -18.44
CA ILE A 223 -9.25 7.49 -18.60
C ILE A 223 -8.14 7.50 -17.51
N TYR A 224 -7.85 6.34 -16.89
CA TYR A 224 -6.95 6.34 -15.72
C TYR A 224 -5.59 6.95 -16.04
N LYS A 225 -5.05 6.62 -17.20
CA LYS A 225 -3.74 7.15 -17.55
C LYS A 225 -3.67 8.64 -17.80
N GLU A 226 -4.83 9.34 -17.90
CA GLU A 226 -4.79 10.79 -17.94
C GLU A 226 -5.37 11.42 -16.69
N ASP A 227 -5.50 10.65 -15.59
CA ASP A 227 -6.18 11.22 -14.42
C ASP A 227 -5.10 11.76 -13.45
N PRO A 228 -5.07 13.08 -13.24
CA PRO A 228 -4.03 13.60 -12.34
C PRO A 228 -4.28 13.28 -10.86
N VAL A 229 -5.41 12.66 -10.55
CA VAL A 229 -5.66 12.16 -9.18
C VAL A 229 -4.68 11.00 -8.92
N ILE A 230 -4.30 10.27 -9.99
CA ILE A 230 -3.28 9.19 -9.80
C ILE A 230 -1.89 9.84 -9.76
N MET A 231 -1.24 9.75 -8.61
CA MET A 231 0.13 10.17 -8.47
C MET A 231 1.11 9.17 -9.16
N SER A 232 0.90 7.87 -9.00
CA SER A 232 1.82 6.92 -9.62
C SER A 232 1.18 5.57 -9.81
N TRP A 233 1.76 4.81 -10.77
CA TRP A 233 1.45 3.41 -10.97
C TRP A 233 2.57 2.67 -10.20
N GLN A 234 2.22 1.64 -9.48
CA GLN A 234 3.17 0.96 -8.74
C GLN A 234 3.15 -0.52 -9.23
N ILE A 235 4.30 -1.05 -9.60
CA ILE A 235 4.41 -2.39 -10.19
C ILE A 235 3.71 -3.41 -9.31
N ALA A 236 4.10 -3.54 -8.04
CA ALA A 236 3.41 -4.52 -7.20
C ALA A 236 3.76 -4.25 -5.78
N ASN A 237 2.92 -4.79 -4.90
CA ASN A 237 3.28 -4.74 -3.48
C ASN A 237 4.42 -5.72 -3.17
N ALA A 238 5.58 -5.16 -2.79
CA ALA A 238 6.66 -6.01 -2.14
C ALA A 238 7.22 -7.23 -2.94
N PRO A 239 7.69 -7.03 -4.18
CA PRO A 239 8.39 -8.14 -4.85
C PRO A 239 9.52 -8.63 -3.97
N GLN A 240 9.79 -9.94 -4.01
CA GLN A 240 10.80 -10.49 -3.12
C GLN A 240 12.04 -10.84 -3.91
N GLU A 241 13.08 -9.99 -3.84
CA GLU A 241 14.32 -10.21 -4.60
C GLU A 241 14.06 -10.50 -6.08
N ALA A 242 13.23 -9.67 -6.73
CA ALA A 242 12.92 -9.87 -8.18
C ALA A 242 14.13 -9.33 -8.96
N PRO A 243 14.39 -9.89 -10.17
CA PRO A 243 15.61 -9.48 -10.86
C PRO A 243 15.55 -8.05 -11.42
N ALA A 244 16.70 -7.41 -11.57
CA ALA A 244 16.75 -6.06 -12.13
C ALA A 244 16.08 -5.99 -13.49
N SER A 245 16.24 -7.05 -14.32
CA SER A 245 15.66 -7.02 -15.66
C SER A 245 14.13 -7.00 -15.63
N TRP A 246 13.51 -7.60 -14.62
CA TRP A 246 12.05 -7.55 -14.45
C TRP A 246 11.56 -6.14 -14.03
N PHE A 247 12.24 -5.54 -13.03
CA PHE A 247 11.97 -4.11 -12.72
C PHE A 247 12.12 -3.23 -13.96
N GLU A 248 13.17 -3.49 -14.77
CA GLU A 248 13.41 -2.69 -15.97
CA GLU A 248 13.42 -2.70 -15.97
C GLU A 248 12.26 -2.90 -16.95
N GLU A 249 11.92 -4.17 -17.22
CA GLU A 249 10.89 -4.45 -18.22
C GLU A 249 9.43 -3.89 -17.82
N ILE A 250 9.01 -4.14 -16.61
CA ILE A 250 7.68 -3.79 -16.20
C ILE A 250 7.62 -2.28 -16.00
N SER A 251 8.62 -1.64 -15.38
CA SER A 251 8.57 -0.20 -15.21
C SER A 251 8.50 0.50 -16.57
N THR A 252 9.28 0.00 -17.52
CA THR A 252 9.17 0.62 -18.88
C THR A 252 7.78 0.37 -19.57
N PHE A 253 7.22 -0.83 -19.42
CA PHE A 253 5.87 -1.13 -19.93
C PHE A 253 4.82 -0.15 -19.33
N ILE A 254 4.87 0.02 -18.02
CA ILE A 254 3.95 0.93 -17.35
C ILE A 254 4.16 2.40 -17.78
N LYS A 255 5.42 2.85 -17.87
CA LYS A 255 5.71 4.24 -18.26
C LYS A 255 5.22 4.49 -19.72
N LYS A 256 5.45 3.54 -20.62
CA LYS A 256 5.01 3.72 -22.00
C LYS A 256 3.51 3.68 -22.00
N GLY A 257 2.90 2.92 -21.08
CA GLY A 257 1.42 2.95 -21.02
C GLY A 257 0.77 4.23 -20.48
N ALA A 258 1.47 5.00 -19.64
CA ALA A 258 0.91 6.21 -19.00
C ALA A 258 2.08 7.18 -18.85
N PRO A 259 2.52 7.78 -19.97
CA PRO A 259 3.78 8.58 -19.87
C PRO A 259 3.72 9.81 -18.97
N LYS A 260 2.51 10.27 -18.57
CA LYS A 260 2.36 11.49 -17.79
C LYS A 260 2.52 11.15 -16.29
N HIS A 261 2.62 9.82 -15.95
CA HIS A 261 2.57 9.50 -14.53
C HIS A 261 3.88 8.97 -14.03
N LEU A 262 4.07 9.12 -12.72
CA LEU A 262 5.25 8.55 -12.07
C LEU A 262 5.08 7.04 -11.93
N VAL A 263 6.22 6.31 -11.75
CA VAL A 263 6.19 4.85 -11.65
C VAL A 263 7.02 4.54 -10.40
N SER A 264 6.49 3.62 -9.59
CA SER A 264 7.13 3.18 -8.35
C SER A 264 7.34 1.65 -8.38
N ALA A 265 8.31 1.13 -7.64
CA ALA A 265 8.58 -0.34 -7.65
C ALA A 265 7.70 -1.06 -6.58
N GLY A 266 7.31 -0.40 -5.48
CA GLY A 266 6.56 -1.14 -4.40
C GLY A 266 7.45 -1.92 -3.43
N LEU A 267 8.77 -1.65 -3.42
CA LEU A 267 9.70 -2.46 -2.65
C LEU A 267 9.63 -2.15 -1.16
N GLU A 268 9.93 -3.16 -0.31
CA GLU A 268 10.01 -2.91 1.14
C GLU A 268 11.29 -2.20 1.53
N SER A 269 12.36 -2.42 0.75
CA SER A 269 13.73 -2.05 1.13
C SER A 269 14.04 -2.64 2.50
N LYS A 270 13.68 -3.90 2.72
CA LYS A 270 14.00 -4.53 3.98
C LYS A 270 15.37 -5.22 4.04
N LEU A 271 16.12 -5.25 2.92
CA LEU A 271 17.40 -6.02 2.86
C LEU A 271 18.58 -5.06 2.89
N ASP A 272 19.33 -4.97 1.80
CA ASP A 272 20.52 -4.11 1.82
C ASP A 272 20.41 -3.10 0.66
N GLU A 273 21.46 -2.32 0.45
CA GLU A 273 21.39 -1.25 -0.51
C GLU A 273 21.36 -1.82 -1.95
N TYR A 274 22.07 -2.92 -2.18
CA TYR A 274 21.96 -3.53 -3.48
C TYR A 274 20.51 -3.89 -3.87
N ASP A 275 19.81 -4.58 -2.97
CA ASP A 275 18.43 -4.93 -3.23
C ASP A 275 17.56 -3.67 -3.50
N PHE A 276 17.84 -2.61 -2.76
CA PHE A 276 17.23 -1.29 -3.03
C PHE A 276 17.58 -0.79 -4.45
N ASP A 277 18.85 -0.86 -4.84
CA ASP A 277 19.19 -0.40 -6.20
C ASP A 277 18.63 -1.28 -7.33
N ARG A 278 18.61 -2.59 -7.10
CA ARG A 278 18.09 -3.54 -8.10
C ARG A 278 16.63 -3.17 -8.47
N ALA A 279 15.87 -2.71 -7.45
CA ALA A 279 14.47 -2.22 -7.69
C ALA A 279 14.44 -0.81 -8.22
N HIS A 280 15.33 0.10 -7.75
CA HIS A 280 15.03 1.53 -7.99
C HIS A 280 15.93 2.20 -8.99
N ASP A 281 17.04 1.58 -9.31
CA ASP A 281 18.02 2.23 -10.21
C ASP A 281 17.67 1.91 -11.70
N HIS A 282 16.59 2.52 -12.13
CA HIS A 282 16.02 2.29 -13.45
C HIS A 282 15.47 3.61 -13.87
N LYS A 283 15.66 3.88 -15.17
CA LYS A 283 15.19 5.12 -15.78
C LYS A 283 13.68 5.34 -15.53
N ASN A 284 12.88 4.28 -15.64
CA ASN A 284 11.43 4.42 -15.49
C ASN A 284 10.90 4.10 -14.10
N ILE A 285 11.77 4.10 -13.09
CA ILE A 285 11.36 4.13 -11.68
C ILE A 285 11.63 5.52 -11.17
N ASP A 286 10.57 6.30 -10.93
CA ASP A 286 10.79 7.71 -10.60
C ASP A 286 11.17 8.03 -9.13
N TYR A 287 10.67 7.20 -8.22
CA TYR A 287 10.98 7.42 -6.81
C TYR A 287 11.10 6.09 -6.05
N THR A 288 11.47 6.16 -4.79
CA THR A 288 11.82 4.94 -4.03
C THR A 288 10.83 4.79 -2.84
N THR A 289 10.59 3.57 -2.39
CA THR A 289 9.75 3.37 -1.23
C THR A 289 10.49 2.48 -0.24
N CYS A 290 9.97 2.45 1.00
CA CYS A 290 10.38 1.48 1.98
C CYS A 290 9.12 1.14 2.82
N HIS A 291 9.09 -0.09 3.34
CA HIS A 291 7.97 -0.59 4.16
C HIS A 291 8.64 -1.03 5.45
N CYS A 292 8.24 -0.56 6.62
CA CYS A 292 8.95 -1.00 7.85
C CYS A 292 8.01 -1.81 8.75
N TRP A 293 8.33 -3.11 9.05
CA TRP A 293 7.41 -4.01 9.76
C TRP A 293 8.10 -4.69 10.90
N VAL A 294 8.25 -3.99 12.04
CA VAL A 294 9.04 -4.57 13.16
C VAL A 294 8.53 -5.87 13.73
N GLU A 295 7.20 -6.01 13.95
CA GLU A 295 6.74 -7.33 14.43
C GLU A 295 6.97 -8.46 13.39
N ASN A 296 6.59 -8.23 12.14
CA ASN A 296 6.61 -9.30 11.13
C ASN A 296 8.05 -9.75 10.97
N TRP A 297 9.00 -8.82 11.15
CA TRP A 297 10.45 -9.17 10.96
C TRP A 297 11.15 -9.67 12.22
N GLY A 298 10.43 -9.89 13.31
CA GLY A 298 11.06 -10.48 14.48
C GLY A 298 11.78 -9.46 15.36
N ILE A 299 11.57 -8.18 15.12
CA ILE A 299 12.25 -7.14 15.89
C ILE A 299 11.47 -6.77 17.13
N TYR A 300 10.14 -6.77 17.07
CA TYR A 300 9.30 -6.20 18.10
C TYR A 300 8.25 -7.23 18.56
N ASP A 301 8.09 -7.39 19.88
CA ASP A 301 7.11 -8.29 20.43
C ASP A 301 6.05 -7.41 21.12
N PRO A 302 4.84 -7.33 20.51
CA PRO A 302 3.80 -6.46 21.11
C PRO A 302 3.25 -7.00 22.43
N ALA A 303 3.60 -8.23 22.80
CA ALA A 303 3.12 -8.76 24.11
C ALA A 303 4.09 -8.48 25.26
N ASP A 304 5.23 -7.88 24.92
CA ASP A 304 6.30 -7.59 25.90
C ASP A 304 6.15 -6.15 26.43
N PRO A 305 5.76 -5.98 27.74
CA PRO A 305 5.65 -4.61 28.20
C PRO A 305 6.93 -3.82 28.03
N ASP A 306 8.08 -4.50 28.02
CA ASP A 306 9.36 -3.79 27.88
C ASP A 306 9.90 -3.84 26.46
N GLY A 307 9.06 -4.17 25.49
CA GLY A 307 9.61 -4.41 24.12
C GLY A 307 9.66 -3.25 23.14
N LEU A 308 9.11 -2.10 23.50
CA LEU A 308 9.04 -0.96 22.53
C LEU A 308 10.38 -0.35 22.06
N PRO A 309 11.36 -0.13 22.99
CA PRO A 309 12.59 0.51 22.56
C PRO A 309 13.28 -0.23 21.39
N HIS A 310 13.27 -1.56 21.33
CA HIS A 310 13.85 -2.23 20.13
C HIS A 310 13.25 -1.70 18.81
N ALA A 311 11.92 -1.50 18.80
CA ALA A 311 11.20 -1.03 17.62
C ALA A 311 11.53 0.43 17.34
N ASN A 312 11.47 1.30 18.38
CA ASN A 312 11.87 2.71 18.11
C ASN A 312 13.29 2.79 17.55
N GLU A 313 14.22 2.05 18.12
CA GLU A 313 15.63 2.18 17.63
C GLU A 313 15.71 1.66 16.18
N TYR A 314 15.08 0.50 15.94
CA TYR A 314 15.10 -0.04 14.59
C TYR A 314 14.51 0.96 13.55
N MET A 315 13.34 1.53 13.85
CA MET A 315 12.67 2.53 12.95
C MET A 315 13.62 3.75 12.73
N HIS A 316 14.27 4.18 13.79
CA HIS A 316 15.19 5.35 13.68
C HIS A 316 16.32 5.07 12.68
N ASP A 317 16.95 3.91 12.80
CA ASP A 317 18.11 3.61 11.92
C ASP A 317 17.65 3.22 10.49
N PHE A 318 16.46 2.62 10.44
CA PHE A 318 15.81 2.29 9.14
C PHE A 318 15.58 3.58 8.34
N LEU A 319 14.95 4.60 8.96
CA LEU A 319 14.70 5.86 8.21
C LEU A 319 16.02 6.49 7.76
N GLU A 320 17.06 6.54 8.66
CA GLU A 320 18.29 7.21 8.29
C GLU A 320 18.98 6.47 7.15
N SER A 321 19.12 5.14 7.28
CA SER A 321 19.84 4.38 6.25
C SER A 321 19.13 4.44 4.87
N ARG A 322 17.81 4.25 4.87
CA ARG A 322 17.04 4.20 3.62
C ARG A 322 17.03 5.60 2.97
N SER A 323 17.01 6.65 3.80
CA SER A 323 17.12 8.03 3.29
C SER A 323 18.50 8.18 2.52
N LYS A 324 19.56 7.63 3.09
CA LYS A 324 20.87 7.67 2.41
C LYS A 324 20.83 6.87 1.15
N TRP A 325 20.18 5.70 1.15
CA TRP A 325 20.11 4.95 -0.11
C TRP A 325 19.41 5.69 -1.21
N ALA A 326 18.33 6.39 -0.84
CA ALA A 326 17.59 7.18 -1.82
C ALA A 326 18.46 8.35 -2.32
N ALA A 327 19.14 9.05 -1.41
CA ALA A 327 20.03 10.18 -1.78
C ALA A 327 21.14 9.73 -2.78
N GLN A 328 21.67 8.50 -2.62
CA GLN A 328 22.68 7.97 -3.53
C GLN A 328 22.11 7.87 -4.96
N LEU A 329 20.83 7.57 -5.14
CA LEU A 329 20.25 7.55 -6.48
C LEU A 329 19.68 8.92 -6.83
N ASN A 330 19.72 9.89 -5.90
CA ASN A 330 19.08 11.20 -6.16
C ASN A 330 17.57 11.05 -6.61
N LYS A 331 16.79 10.28 -5.82
CA LYS A 331 15.36 10.08 -6.07
C LYS A 331 14.67 10.25 -4.70
N PRO A 332 13.39 10.74 -4.68
CA PRO A 332 12.66 10.86 -3.40
C PRO A 332 12.45 9.46 -2.78
N ILE A 333 12.11 9.45 -1.49
CA ILE A 333 11.72 8.23 -0.81
C ILE A 333 10.43 8.53 0.03
N VAL A 334 9.49 7.57 0.03
CA VAL A 334 8.29 7.61 0.85
C VAL A 334 8.32 6.33 1.65
N MET A 335 8.10 6.40 2.94
CA MET A 335 7.81 5.17 3.74
C MET A 335 6.34 4.82 3.61
N GLU A 336 6.03 4.06 2.56
CA GLU A 336 4.61 3.94 2.10
C GLU A 336 3.90 2.82 2.83
N GLU A 337 4.59 2.12 3.77
CA GLU A 337 3.86 1.23 4.74
C GLU A 337 4.61 1.19 6.04
N PHE A 338 3.91 1.26 7.18
CA PHE A 338 4.58 0.86 8.44
C PHE A 338 3.46 0.73 9.43
N GLY A 339 3.64 -0.07 10.47
CA GLY A 339 2.57 -0.07 11.43
C GLY A 339 2.96 -0.84 12.68
N MET A 340 2.01 -0.89 13.63
CA MET A 340 2.30 -1.57 14.92
C MET A 340 0.99 -2.00 15.55
N ALA A 341 1.08 -3.10 16.30
CA ALA A 341 -0.06 -3.81 16.94
C ALA A 341 -0.60 -2.95 18.11
N ARG A 342 -1.77 -3.32 18.64
CA ARG A 342 -2.33 -2.63 19.82
C ARG A 342 -1.52 -3.18 21.01
N ASP A 343 -1.89 -2.74 22.20
CA ASP A 343 -1.10 -3.07 23.42
C ASP A 343 -1.39 -4.50 23.97
N ALA A 344 -1.00 -5.52 23.23
CA ALA A 344 -1.22 -6.93 23.66
C ALA A 344 -0.55 -7.17 25.03
N TRP A 345 0.55 -6.44 25.30
CA TRP A 345 1.31 -6.52 26.54
C TRP A 345 0.58 -6.24 27.83
N ARG A 346 -0.55 -5.52 27.74
CA ARG A 346 -1.38 -5.30 28.89
C ARG A 346 -2.06 -6.59 29.37
N ASN A 347 -2.15 -7.60 28.50
CA ASN A 347 -2.94 -8.82 28.86
C ASN A 347 -2.32 -9.89 27.99
N PRO A 348 -1.01 -10.14 28.22
CA PRO A 348 -0.28 -10.97 27.25
C PRO A 348 -0.72 -12.42 27.13
N GLU A 349 -1.39 -12.99 28.10
CA GLU A 349 -1.79 -14.37 27.94
C GLU A 349 -3.10 -14.51 27.11
N ASP A 350 -3.78 -13.42 26.80
CA ASP A 350 -5.07 -13.52 26.11
C ASP A 350 -4.86 -13.09 24.64
N GLU A 351 -4.87 -14.08 23.71
CA GLU A 351 -4.60 -13.82 22.30
C GLU A 351 -5.61 -12.91 21.67
N THR A 352 -6.91 -12.99 22.01
CA THR A 352 -7.91 -12.17 21.34
CA THR A 352 -7.93 -12.17 21.35
C THR A 352 -7.77 -10.72 21.74
N TYR A 353 -7.35 -10.51 22.99
CA TYR A 353 -7.25 -9.12 23.52
C TYR A 353 -6.43 -8.20 22.62
N LYS A 354 -5.37 -8.77 22.02
CA LYS A 354 -4.45 -8.06 21.16
C LYS A 354 -5.23 -7.36 19.97
N TYR A 355 -6.30 -7.98 19.54
CA TYR A 355 -7.04 -7.55 18.34
C TYR A 355 -8.34 -6.79 18.61
N LEU A 356 -8.68 -6.57 19.88
CA LEU A 356 -9.93 -5.81 20.22
C LEU A 356 -9.74 -4.33 20.03
N PRO A 357 -10.74 -3.64 19.39
CA PRO A 357 -10.73 -2.17 19.24
C PRO A 357 -10.65 -1.47 20.61
N SER A 358 -11.22 -2.07 21.68
CA SER A 358 -11.15 -1.38 23.04
C SER A 358 -9.72 -1.42 23.61
N THR A 359 -8.86 -2.31 23.08
CA THR A 359 -7.48 -2.37 23.59
C THR A 359 -6.70 -1.07 23.18
N PRO A 360 -5.96 -0.45 24.14
CA PRO A 360 -5.28 0.81 23.80
C PRO A 360 -4.15 0.59 22.83
N THR A 361 -3.61 1.69 22.31
CA THR A 361 -2.50 1.68 21.35
C THR A 361 -1.41 2.59 21.88
N SER A 362 -1.02 2.46 23.19
CA SER A 362 0.08 3.35 23.68
C SER A 362 1.37 3.10 22.94
N HIS A 363 1.76 1.86 22.76
CA HIS A 363 3.05 1.63 22.07
C HIS A 363 3.04 2.14 20.65
N LYS A 364 1.96 1.77 19.96
CA LYS A 364 1.78 2.17 18.53
C LYS A 364 1.82 3.73 18.39
N ASP A 365 1.11 4.41 19.28
CA ASP A 365 1.05 5.88 19.22
C ASP A 365 2.39 6.51 19.40
N GLU A 366 3.19 6.04 20.37
CA GLU A 366 4.50 6.54 20.56
C GLU A 366 5.42 6.16 19.34
N TYR A 367 5.29 4.91 18.86
CA TYR A 367 6.08 4.53 17.72
C TYR A 367 5.76 5.38 16.50
N TYR A 368 4.46 5.56 16.22
CA TYR A 368 4.05 6.46 15.08
C TYR A 368 4.61 7.90 15.30
N GLN A 369 4.38 8.43 16.48
CA GLN A 369 4.85 9.81 16.78
C GLN A 369 6.33 10.04 16.54
N LYS A 370 7.16 9.12 17.02
CA LYS A 370 8.65 9.26 16.86
C LYS A 370 9.05 9.10 15.38
N ALA A 371 8.43 8.11 14.69
CA ALA A 371 8.65 7.97 13.22
C ALA A 371 8.28 9.26 12.51
N PHE A 372 7.11 9.78 12.83
CA PHE A 372 6.65 10.99 12.18
C PHE A 372 7.52 12.20 12.46
N ASN A 373 7.96 12.32 13.72
CA ASN A 373 8.83 13.49 14.06
C ASN A 373 10.11 13.41 13.29
N GLN A 374 10.64 12.19 13.16
CA GLN A 374 11.86 12.01 12.40
C GLN A 374 11.67 12.30 10.91
N ILE A 375 10.57 11.86 10.35
CA ILE A 375 10.28 12.19 8.95
C ILE A 375 10.13 13.71 8.70
N VAL A 376 9.40 14.41 9.58
CA VAL A 376 9.29 15.87 9.49
C VAL A 376 10.69 16.52 9.42
N SER A 377 11.57 16.06 10.33
CA SER A 377 12.95 16.53 10.36
C SER A 377 13.72 16.22 9.05
N LEU A 378 13.61 14.97 8.56
CA LEU A 378 14.34 14.60 7.35
C LEU A 378 13.74 15.36 6.16
N ALA A 379 12.43 15.51 6.18
CA ALA A 379 11.76 16.25 5.12
C ALA A 379 12.14 17.76 5.06
N SER A 380 12.35 18.42 6.20
CA SER A 380 12.81 19.81 6.22
CA SER A 380 12.78 19.82 6.20
C SER A 380 14.20 19.89 5.61
N ASN A 381 14.95 18.79 5.64
CA ASN A 381 16.26 18.72 4.98
C ASN A 381 16.22 18.14 3.55
N ARG A 382 15.02 18.06 2.96
CA ARG A 382 14.80 17.48 1.63
CA ARG A 382 14.87 17.53 1.61
C ARG A 382 15.43 16.08 1.52
N SER A 383 15.31 15.32 2.61
CA SER A 383 15.83 13.95 2.65
C SER A 383 14.75 12.87 2.82
N PHE A 384 13.48 13.26 2.79
CA PHE A 384 12.37 12.29 2.89
C PHE A 384 11.14 13.01 2.36
N SER A 385 10.19 12.27 1.78
CA SER A 385 9.01 12.90 1.19
C SER A 385 7.69 12.57 1.86
N GLY A 386 7.70 11.72 2.88
CA GLY A 386 6.45 11.48 3.67
C GLY A 386 6.25 10.00 3.88
N SER A 387 5.01 9.60 4.16
CA SER A 387 4.79 8.22 4.54
C SER A 387 3.28 7.84 4.35
N ASN A 388 2.95 6.55 4.38
CA ASN A 388 1.58 6.10 4.38
C ASN A 388 1.49 5.08 5.46
N PHE A 389 0.85 5.43 6.57
CA PHE A 389 0.73 4.43 7.63
C PHE A 389 -0.19 3.30 7.10
N TRP A 390 0.05 2.09 7.61
CA TRP A 390 -0.68 0.86 7.22
C TRP A 390 -1.48 0.42 8.45
N ALA A 391 -2.81 0.66 8.53
CA ALA A 391 -3.65 1.16 7.39
C ALA A 391 -4.88 1.73 8.07
N TYR A 392 -5.64 2.51 7.32
CA TYR A 392 -6.83 3.17 7.92
C TYR A 392 -7.97 2.17 7.89
N GLY A 393 -8.51 1.83 9.07
CA GLY A 393 -9.62 0.92 9.23
C GLY A 393 -10.97 1.68 9.27
N GLY A 394 -10.97 2.97 9.59
CA GLY A 394 -12.22 3.78 9.46
C GLY A 394 -13.35 3.30 10.38
N GLU A 395 -14.50 2.99 9.80
CA GLU A 395 -15.70 2.56 10.49
C GLU A 395 -15.74 1.02 10.70
N GLY A 396 -14.83 0.29 10.02
CA GLY A 396 -14.75 -1.20 10.23
C GLY A 396 -14.28 -1.47 11.66
N ARG A 397 -14.64 -2.64 12.17
CA ARG A 397 -14.10 -3.05 13.46
C ARG A 397 -13.89 -4.54 13.39
N SER A 398 -12.92 -4.99 14.15
CA SER A 398 -12.56 -6.39 14.08
C SER A 398 -13.64 -7.24 14.82
N THR A 399 -14.57 -6.64 15.57
CA THR A 399 -15.51 -7.46 16.28
C THR A 399 -16.83 -7.55 15.42
N TYR A 400 -16.86 -6.92 14.24
CA TYR A 400 -18.10 -6.97 13.43
C TYR A 400 -18.18 -8.25 12.58
N PRO A 401 -19.41 -8.66 12.22
CA PRO A 401 -19.52 -9.89 11.41
C PRO A 401 -19.06 -9.67 9.96
N PRO A 402 -18.64 -10.75 9.27
CA PRO A 402 -18.23 -10.62 7.88
C PRO A 402 -19.46 -10.23 7.05
N ASN A 403 -19.26 -9.56 5.91
CA ASN A 403 -20.38 -9.26 5.03
C ASN A 403 -20.68 -10.59 4.25
N PRO A 404 -21.70 -10.59 3.34
CA PRO A 404 -22.09 -11.88 2.76
C PRO A 404 -21.02 -12.55 1.88
N TYR A 405 -20.01 -11.77 1.43
CA TYR A 405 -18.79 -12.37 0.81
C TYR A 405 -17.69 -12.85 1.79
N GLY A 406 -17.98 -12.83 3.10
CA GLY A 406 -17.07 -13.29 4.09
C GLY A 406 -15.97 -12.28 4.41
N MET A 407 -16.20 -10.98 4.11
CA MET A 407 -15.23 -9.94 4.37
C MET A 407 -15.55 -9.12 5.59
N VAL A 408 -14.61 -9.02 6.55
CA VAL A 408 -14.73 -7.98 7.60
C VAL A 408 -13.78 -6.86 7.13
N TRP A 409 -14.31 -5.87 6.39
CA TRP A 409 -13.42 -4.89 5.78
C TRP A 409 -12.90 -3.96 6.87
N LEU A 410 -11.61 -3.70 6.81
CA LEU A 410 -10.93 -2.72 7.68
C LEU A 410 -9.51 -2.71 7.12
N GLY A 411 -8.50 -2.24 7.88
CA GLY A 411 -7.25 -2.07 7.25
C GLY A 411 -6.36 -3.31 7.21
N ASP A 412 -6.80 -4.43 7.77
CA ASP A 412 -5.99 -5.72 7.77
C ASP A 412 -6.54 -6.63 6.73
N PRO A 413 -5.73 -7.01 5.75
CA PRO A 413 -6.26 -7.92 4.69
C PRO A 413 -6.53 -9.29 5.23
N PRO A 414 -7.33 -10.07 4.48
CA PRO A 414 -7.88 -11.33 5.05
C PRO A 414 -6.86 -12.47 5.18
N HIS A 415 -5.57 -12.27 4.89
CA HIS A 415 -4.55 -13.33 5.25
C HIS A 415 -4.06 -13.04 6.64
N GLU A 416 -4.58 -11.98 7.27
CA GLU A 416 -4.08 -11.63 8.63
C GLU A 416 -5.27 -11.51 9.59
N PRO A 417 -5.00 -11.59 10.93
CA PRO A 417 -6.10 -11.38 11.91
C PRO A 417 -6.74 -9.98 11.83
N HIS A 418 -8.09 -9.94 11.83
CA HIS A 418 -8.76 -8.65 11.78
C HIS A 418 -8.30 -7.76 12.96
N GLY A 419 -8.00 -6.51 12.67
CA GLY A 419 -7.74 -5.54 13.72
C GLY A 419 -6.28 -5.58 14.16
N TRP A 420 -5.40 -6.35 13.49
CA TRP A 420 -3.99 -6.37 13.93
C TRP A 420 -3.32 -4.97 13.91
N TYR A 421 -3.41 -4.32 12.75
CA TYR A 421 -2.82 -3.01 12.53
C TYR A 421 -3.74 -1.87 12.27
N SER A 422 -5.03 -2.14 12.02
CA SER A 422 -6.00 -1.07 11.68
C SER A 422 -5.93 0.16 12.60
N VAL A 423 -5.94 1.34 12.00
CA VAL A 423 -6.20 2.61 12.75
C VAL A 423 -7.71 2.88 12.60
N TYR A 424 -8.46 2.82 13.70
CA TYR A 424 -9.93 3.06 13.62
C TYR A 424 -10.26 4.56 13.75
N SER A 425 -11.44 4.97 13.25
CA SER A 425 -11.83 6.35 13.21
C SER A 425 -11.74 7.04 14.57
N ASN A 426 -11.93 6.33 15.68
CA ASN A 426 -11.76 7.09 16.93
C ASN A 426 -10.58 6.56 17.78
N ASP A 427 -9.58 5.95 17.15
CA ASP A 427 -8.41 5.57 17.94
C ASP A 427 -7.66 6.83 18.37
N THR A 428 -6.92 6.70 19.46
CA THR A 428 -6.01 7.77 19.93
C THR A 428 -4.95 8.11 18.88
N THR A 429 -4.59 7.10 18.09
CA THR A 429 -3.55 7.37 17.08
C THR A 429 -3.99 8.44 16.04
N VAL A 430 -5.31 8.63 15.83
CA VAL A 430 -5.84 9.64 14.85
C VAL A 430 -5.24 11.04 15.15
N GLN A 431 -5.22 11.46 16.41
CA GLN A 431 -4.66 12.82 16.71
C GLN A 431 -3.14 12.92 16.37
N ILE A 432 -2.41 11.84 16.56
CA ILE A 432 -0.98 11.88 16.27
C ILE A 432 -0.77 11.96 14.74
N ILE A 433 -1.60 11.20 13.99
CA ILE A 433 -1.55 11.29 12.52
C ILE A 433 -1.92 12.73 12.05
N LYS A 434 -2.99 13.25 12.63
CA LYS A 434 -3.45 14.58 12.31
C LYS A 434 -2.30 15.64 12.55
N ASP A 435 -1.58 15.49 13.66
CA ASP A 435 -0.53 16.47 14.08
C ASP A 435 0.67 16.32 13.11
N TYR A 436 1.04 15.07 12.78
CA TYR A 436 2.11 14.83 11.79
C TYR A 436 1.74 15.49 10.42
N ASN A 437 0.54 15.29 9.97
CA ASN A 437 0.17 15.76 8.63
C ASN A 437 0.17 17.32 8.68
N ALA A 438 -0.26 17.93 9.80
CA ALA A 438 -0.15 19.44 9.95
C ALA A 438 1.35 19.84 9.92
N ASN A 439 2.20 19.08 10.61
CA ASN A 439 3.62 19.38 10.67
C ASN A 439 4.27 19.25 9.29
N LEU A 440 3.86 18.19 8.54
CA LEU A 440 4.44 18.03 7.20
C LEU A 440 3.97 19.11 6.26
N LEU A 441 2.69 19.50 6.36
CA LEU A 441 2.19 20.57 5.49
C LEU A 441 2.92 21.90 5.84
N LYS A 442 3.22 22.11 7.11
CA LYS A 442 4.04 23.25 7.44
C LYS A 442 5.46 23.19 6.80
N VAL A 443 6.07 22.01 6.80
CA VAL A 443 7.39 21.86 6.17
C VAL A 443 7.25 22.17 4.67
N GLN A 444 6.20 21.63 4.03
CA GLN A 444 5.96 21.84 2.61
C GLN A 444 5.89 23.35 2.29
N LYS A 445 5.16 24.12 3.13
CA LYS A 445 5.12 25.61 3.02
C LYS A 445 6.47 26.27 3.13
N GLU A 446 7.25 25.89 4.13
CA GLU A 446 8.63 26.40 4.25
C GLU A 446 9.50 26.02 3.07
N LEU A 447 9.35 24.80 2.51
CA LEU A 447 10.15 24.46 1.32
C LEU A 447 9.69 25.27 0.04
N SER A 448 8.48 25.80 0.02
CA SER A 448 7.92 26.54 -1.14
C SER A 448 8.35 28.05 -1.22
N LYS A 449 8.78 28.64 -0.08
CA LYS A 449 9.21 30.07 0.04
C LYS A 449 10.48 30.27 -0.75
#